data_3NR5
#
_entry.id   3NR5
#
_cell.length_a   48.398
_cell.length_b   48.816
_cell.length_c   79.323
_cell.angle_alpha   90.00
_cell.angle_beta   90.00
_cell.angle_gamma   90.00
#
_symmetry.space_group_name_H-M   'P 21 21 21'
#
loop_
_entity.id
_entity.type
_entity.pdbx_description
1 polymer 'Repressor of RNA polymerase III transcription MAF1 homolog'
2 water water
#
_entity_poly.entity_id   1
_entity_poly.type   'polypeptide(L)'
_entity_poly.pdbx_seq_one_letter_code
;HHHHHHMKLLENSSFEAINSQLTVETGDAHIIGRIESYSCKPLSDKCSRKTLFYLIATLNESFRPDYDFSTARSHEFSRE
PSLSWVVNAVNCSLFSAVREDFKDLKPQLWNAVDEEICLAECDIYSYNPDLDSDPFGEDGSLWSFNYFFYNKRLKRIVFF
SCRS
;
_entity_poly.pdbx_strand_id   A
#
# COMPACT_ATOMS: atom_id res chain seq x y z
N HIS A 6 -12.41 -0.35 13.05
CA HIS A 6 -11.46 -0.87 12.08
C HIS A 6 -10.59 0.25 11.49
N MET A 7 -10.67 0.44 10.18
CA MET A 7 -9.83 1.45 9.52
C MET A 7 -10.71 2.60 9.01
N LYS A 8 -10.24 3.82 9.21
CA LYS A 8 -10.96 5.00 8.75
C LYS A 8 -10.10 5.79 7.77
N LEU A 9 -10.63 6.00 6.55
CA LEU A 9 -9.90 6.74 5.52
C LEU A 9 -9.66 8.20 5.92
N LEU A 10 -8.41 8.64 5.80
CA LEU A 10 -8.03 10.02 6.12
C LEU A 10 -7.89 10.88 4.86
N GLU A 11 -8.27 12.15 4.96
CA GLU A 11 -8.12 13.06 3.83
C GLU A 11 -6.68 13.55 3.74
N ASN A 12 -6.18 13.62 2.51
CA ASN A 12 -4.83 14.12 2.26
C ASN A 12 -4.77 14.58 0.79
N SER A 13 -4.71 15.90 0.59
CA SER A 13 -4.76 16.50 -0.73
CA SER A 13 -4.76 16.49 -0.73
C SER A 13 -3.53 16.16 -1.58
N SER A 14 -2.39 15.99 -0.92
CA SER A 14 -1.19 15.58 -1.61
C SER A 14 -1.36 14.20 -2.24
N PHE A 15 -2.00 13.30 -1.50
CA PHE A 15 -2.23 11.94 -2.00
C PHE A 15 -3.20 11.99 -3.17
N GLU A 16 -4.18 12.89 -3.09
CA GLU A 16 -5.13 13.05 -4.20
C GLU A 16 -4.38 13.43 -5.48
N ALA A 17 -3.44 14.36 -5.37
CA ALA A 17 -2.67 14.83 -6.51
C ALA A 17 -1.78 13.71 -7.10
N ILE A 18 -1.17 12.94 -6.21
CA ILE A 18 -0.35 11.81 -6.62
C ILE A 18 -1.21 10.77 -7.33
N ASN A 19 -2.38 10.47 -6.75
CA ASN A 19 -3.26 9.50 -7.36
C ASN A 19 -3.70 9.90 -8.77
N SER A 20 -3.90 11.19 -8.99
CA SER A 20 -4.25 11.72 -10.31
C SER A 20 -3.18 11.39 -11.35
N GLN A 21 -1.93 11.35 -10.91
CA GLN A 21 -0.81 11.14 -11.82
C GLN A 21 -0.44 9.66 -12.01
N LEU A 22 -1.01 8.80 -11.18
CA LEU A 22 -0.74 7.36 -11.29
C LEU A 22 -1.69 6.70 -12.26
N THR A 23 -1.78 7.27 -13.45
CA THR A 23 -2.72 6.82 -14.45
C THR A 23 -2.02 6.69 -15.79
N VAL A 24 -2.61 5.91 -16.69
CA VAL A 24 -2.21 5.93 -18.09
C VAL A 24 -3.45 6.27 -18.92
N GLU A 25 -4.33 7.07 -18.33
CA GLU A 25 -5.54 7.52 -19.01
C GLU A 25 -5.33 8.93 -19.58
N ASP A 28 -4.54 2.29 -24.28
CA ASP A 28 -5.29 1.47 -23.32
C ASP A 28 -5.22 2.08 -21.91
N ALA A 29 -6.07 3.07 -21.67
CA ALA A 29 -6.04 3.85 -20.43
C ALA A 29 -6.45 3.05 -19.19
N HIS A 30 -5.77 3.33 -18.07
CA HIS A 30 -6.10 2.69 -16.80
C HIS A 30 -5.31 3.28 -15.64
N ILE A 31 -5.72 2.95 -14.42
CA ILE A 31 -5.00 3.43 -13.24
C ILE A 31 -3.89 2.46 -12.87
N ILE A 32 -2.71 3.01 -12.60
CA ILE A 32 -1.55 2.19 -12.23
C ILE A 32 -1.68 1.77 -10.77
N GLY A 33 -2.10 2.69 -9.93
CA GLY A 33 -2.14 2.41 -8.51
C GLY A 33 -2.66 3.58 -7.73
N ARG A 34 -2.57 3.47 -6.41
CA ARG A 34 -3.20 4.43 -5.53
C ARG A 34 -2.49 4.43 -4.19
N ILE A 35 -2.41 5.60 -3.57
CA ILE A 35 -1.89 5.70 -2.21
C ILE A 35 -2.97 6.27 -1.29
N GLU A 36 -3.12 5.65 -0.12
CA GLU A 36 -4.19 5.99 0.82
C GLU A 36 -3.68 6.03 2.25
N SER A 37 -4.28 6.89 3.07
CA SER A 37 -3.92 6.94 4.49
C SER A 37 -5.12 6.58 5.36
N TYR A 38 -4.90 5.76 6.39
CA TYR A 38 -5.98 5.27 7.26
C TYR A 38 -5.58 5.40 8.72
N SER A 39 -6.55 5.72 9.57
CA SER A 39 -6.34 5.64 11.02
C SER A 39 -6.80 4.29 11.53
N CYS A 40 -6.06 3.75 12.51
CA CYS A 40 -6.40 2.49 13.13
C CYS A 40 -7.34 2.77 14.30
N LYS A 41 -8.43 2.01 14.39
CA LYS A 41 -9.28 2.07 15.56
C LYS A 41 -8.87 0.98 16.55
N PRO A 42 -8.92 1.29 17.85
CA PRO A 42 -8.53 0.36 18.92
C PRO A 42 -9.14 -1.04 18.77
N LEU A 43 -8.32 -2.06 19.02
CA LEU A 43 -8.81 -3.43 19.09
C LEU A 43 -8.76 -3.94 20.53
N SER A 44 -9.58 -4.96 20.82
CA SER A 44 -9.54 -5.61 22.13
C SER A 44 -8.14 -6.17 22.38
N ASP A 45 -7.71 -6.15 23.64
CA ASP A 45 -6.42 -6.71 24.00
C ASP A 45 -6.44 -8.22 23.86
N LYS A 46 -7.64 -8.78 23.76
CA LYS A 46 -7.80 -10.22 23.55
C LYS A 46 -7.39 -10.63 22.13
N CYS A 47 -7.13 -9.65 21.27
CA CYS A 47 -6.60 -9.94 19.95
C CYS A 47 -5.08 -10.06 20.04
N SER A 48 -4.57 -11.26 19.79
CA SER A 48 -3.15 -11.51 19.98
C SER A 48 -2.36 -11.24 18.72
N ARG A 49 -3.06 -10.91 17.64
CA ARG A 49 -2.40 -10.64 16.37
C ARG A 49 -2.97 -9.39 15.73
N LYS A 50 -2.75 -8.27 16.39
CA LYS A 50 -3.33 -7.00 15.99
C LYS A 50 -2.80 -6.48 14.65
N THR A 51 -1.50 -6.65 14.42
CA THR A 51 -0.94 -6.18 13.15
C THR A 51 -1.58 -6.89 11.95
N LEU A 52 -1.66 -8.22 12.01
CA LEU A 52 -2.29 -8.97 10.93
C LEU A 52 -3.73 -8.50 10.73
N PHE A 53 -4.44 -8.32 11.84
CA PHE A 53 -5.83 -7.83 11.78
C PHE A 53 -5.92 -6.52 11.01
N TYR A 54 -5.04 -5.57 11.35
CA TYR A 54 -5.06 -4.27 10.66
C TYR A 54 -4.66 -4.35 9.19
N LEU A 55 -3.70 -5.21 8.84
CA LEU A 55 -3.33 -5.36 7.43
C LEU A 55 -4.51 -5.87 6.59
N ILE A 56 -5.20 -6.88 7.10
CA ILE A 56 -6.35 -7.44 6.41
C ILE A 56 -7.47 -6.39 6.35
N ALA A 57 -7.68 -5.65 7.43
CA ALA A 57 -8.74 -4.66 7.47
C ALA A 57 -8.44 -3.53 6.48
N THR A 58 -7.15 -3.23 6.30
CA THR A 58 -6.75 -2.20 5.34
C THR A 58 -7.01 -2.65 3.91
N LEU A 59 -6.63 -3.89 3.58
CA LEU A 59 -6.98 -4.44 2.27
C LEU A 59 -8.50 -4.43 2.05
N ASN A 60 -9.28 -4.85 3.04
CA ASN A 60 -10.73 -4.86 2.89
C ASN A 60 -11.33 -3.48 2.63
N GLU A 61 -10.79 -2.48 3.32
CA GLU A 61 -11.30 -1.11 3.19
C GLU A 61 -10.92 -0.52 1.84
N SER A 62 -9.69 -0.78 1.43
CA SER A 62 -9.19 -0.22 0.18
C SER A 62 -9.85 -0.84 -1.03
N PHE A 63 -10.13 -2.14 -0.98
CA PHE A 63 -10.61 -2.87 -2.17
C PHE A 63 -12.09 -3.19 -2.15
N ARG A 64 -12.82 -2.73 -1.14
CA ARG A 64 -14.29 -2.82 -1.24
C ARG A 64 -14.81 -2.01 -2.44
N PRO A 65 -15.87 -2.51 -3.09
CA PRO A 65 -16.56 -3.77 -2.84
C PRO A 65 -16.08 -4.85 -3.79
N ASP A 66 -14.94 -4.62 -4.43
CA ASP A 66 -14.42 -5.55 -5.45
C ASP A 66 -13.93 -6.87 -4.87
N TYR A 67 -13.14 -6.79 -3.81
CA TYR A 67 -12.46 -7.98 -3.24
C TYR A 67 -12.53 -8.02 -1.72
N ASP A 68 -12.64 -9.24 -1.18
CA ASP A 68 -12.57 -9.47 0.26
C ASP A 68 -11.33 -10.30 0.64
N PHE A 69 -10.66 -9.93 1.73
CA PHE A 69 -9.42 -10.58 2.13
C PHE A 69 -9.51 -11.25 3.50
N SER A 70 -10.73 -11.42 3.98
CA SER A 70 -10.95 -11.94 5.31
C SER A 70 -10.33 -13.32 5.51
N THR A 71 -10.16 -14.09 4.44
CA THR A 71 -9.59 -15.43 4.55
C THR A 71 -8.10 -15.49 4.21
N ALA A 72 -7.45 -14.34 4.11
CA ALA A 72 -6.03 -14.29 3.82
C ALA A 72 -5.22 -15.03 4.89
N ARG A 73 -4.16 -15.70 4.45
CA ARG A 73 -3.29 -16.46 5.34
C ARG A 73 -2.09 -15.63 5.83
N SER A 74 -1.64 -15.93 7.05
CA SER A 74 -0.51 -15.21 7.62
CA SER A 74 -0.50 -15.22 7.62
C SER A 74 0.70 -15.19 6.67
N HIS A 75 0.91 -16.28 5.94
CA HIS A 75 2.11 -16.37 5.12
C HIS A 75 2.03 -15.50 3.87
N GLU A 76 0.87 -14.91 3.62
CA GLU A 76 0.73 -13.97 2.50
C GLU A 76 1.20 -12.56 2.89
N PHE A 77 1.66 -12.40 4.12
CA PHE A 77 2.15 -11.11 4.59
C PHE A 77 3.60 -11.24 5.04
N SER A 78 4.38 -10.20 4.82
CA SER A 78 5.75 -10.23 5.34
CA SER A 78 5.80 -10.20 5.23
C SER A 78 5.97 -8.87 5.94
N ARG A 79 6.87 -8.91 6.92
CA ARG A 79 7.55 -7.71 7.38
C ARG A 79 8.76 -7.39 6.51
N GLU A 80 8.86 -6.14 6.07
CA GLU A 80 9.94 -5.72 5.24
C GLU A 80 11.08 -5.18 6.13
N PRO A 81 12.24 -5.80 6.08
CA PRO A 81 13.37 -5.45 6.96
C PRO A 81 14.00 -4.11 6.63
N SER A 82 13.83 -3.65 5.40
CA SER A 82 14.60 -2.49 4.93
C SER A 82 13.76 -1.47 4.20
N LEU A 83 13.72 -0.24 4.72
CA LEU A 83 13.07 0.87 4.02
C LEU A 83 13.72 1.09 2.66
N SER A 84 15.04 1.06 2.62
CA SER A 84 15.79 1.25 1.37
C SER A 84 15.37 0.28 0.27
N TRP A 85 15.21 -0.99 0.63
CA TRP A 85 14.82 -2.01 -0.34
C TRP A 85 13.44 -1.72 -0.95
N VAL A 86 12.50 -1.31 -0.11
CA VAL A 86 11.14 -0.96 -0.56
C VAL A 86 11.15 0.29 -1.45
N VAL A 87 11.88 1.32 -1.05
CA VAL A 87 12.00 2.52 -1.86
C VAL A 87 12.57 2.17 -3.25
N ASN A 88 13.63 1.39 -3.28
CA ASN A 88 14.23 0.92 -4.54
C ASN A 88 13.24 0.12 -5.39
N ALA A 89 12.52 -0.80 -4.76
CA ALA A 89 11.57 -1.64 -5.50
C ALA A 89 10.44 -0.81 -6.10
N VAL A 90 9.87 0.09 -5.32
CA VAL A 90 8.83 0.98 -5.81
C VAL A 90 9.36 1.86 -6.95
N ASN A 91 10.52 2.47 -6.74
CA ASN A 91 11.05 3.40 -7.75
C ASN A 91 11.30 2.72 -9.09
N CYS A 92 11.84 1.51 -9.05
CA CYS A 92 12.08 0.76 -10.28
C CYS A 92 10.77 0.43 -11.00
N SER A 93 9.79 -0.03 -10.26
CA SER A 93 8.48 -0.36 -10.82
C SER A 93 7.79 0.87 -11.42
N LEU A 94 7.68 1.95 -10.65
CA LEU A 94 7.00 3.14 -11.13
C LEU A 94 7.68 3.80 -12.33
N PHE A 95 9.02 3.82 -12.33
CA PHE A 95 9.72 4.38 -13.48
C PHE A 95 9.36 3.63 -14.75
N SER A 96 9.19 2.32 -14.59
CA SER A 96 8.87 1.43 -15.71
C SER A 96 7.51 1.74 -16.32
N ALA A 97 6.55 2.10 -15.47
CA ALA A 97 5.16 2.36 -15.86
C ALA A 97 4.91 3.81 -16.30
N VAL A 98 5.49 4.76 -15.56
CA VAL A 98 5.25 6.18 -15.76
C VAL A 98 6.32 6.85 -16.65
N ARG A 99 7.49 6.20 -16.75
CA ARG A 99 8.57 6.68 -17.62
C ARG A 99 9.15 8.02 -17.18
N GLU A 100 9.44 8.90 -18.14
CA GLU A 100 10.07 10.19 -17.84
C GLU A 100 9.24 11.09 -16.95
N ASP A 101 7.93 10.84 -16.91
CA ASP A 101 7.02 11.60 -16.06
C ASP A 101 7.21 11.26 -14.57
N PHE A 102 7.95 10.21 -14.29
CA PHE A 102 8.22 9.84 -12.90
C PHE A 102 9.27 10.75 -12.30
N LYS A 103 10.05 11.43 -13.15
CA LYS A 103 11.11 12.27 -12.62
C LYS A 103 10.59 13.26 -11.58
N ASP A 104 9.52 13.97 -11.89
CA ASP A 104 8.98 14.95 -10.97
C ASP A 104 8.07 14.33 -9.90
N LEU A 105 7.38 13.25 -10.28
CA LEU A 105 6.49 12.57 -9.35
C LEU A 105 7.24 11.88 -8.21
N LYS A 106 8.44 11.37 -8.50
CA LYS A 106 9.20 10.65 -7.48
C LYS A 106 9.39 11.39 -6.16
N PRO A 107 10.00 12.60 -6.19
CA PRO A 107 10.20 13.31 -4.92
C PRO A 107 8.88 13.72 -4.30
N GLN A 108 7.91 14.06 -5.13
CA GLN A 108 6.61 14.48 -4.63
C GLN A 108 5.96 13.34 -3.84
N LEU A 109 6.00 12.14 -4.42
CA LEU A 109 5.47 10.94 -3.75
C LEU A 109 6.14 10.66 -2.41
N TRP A 110 7.46 10.54 -2.39
CA TRP A 110 8.15 10.23 -1.14
C TRP A 110 8.02 11.34 -0.08
N ASN A 111 8.06 12.60 -0.49
CA ASN A 111 7.85 13.70 0.45
C ASN A 111 6.48 13.61 1.13
N ALA A 112 5.46 13.38 0.33
CA ALA A 112 4.08 13.27 0.83
C ALA A 112 3.91 12.10 1.79
N VAL A 113 4.45 10.94 1.42
CA VAL A 113 4.37 9.77 2.28
C VAL A 113 5.08 10.01 3.61
N ASP A 114 6.31 10.52 3.55
CA ASP A 114 7.08 10.80 4.75
C ASP A 114 6.36 11.79 5.70
N GLU A 115 5.76 12.83 5.13
CA GLU A 115 5.06 13.83 5.95
C GLU A 115 3.82 13.24 6.62
N GLU A 116 3.18 12.28 5.96
CA GLU A 116 1.98 11.65 6.49
C GLU A 116 2.27 10.57 7.53
N ILE A 117 3.40 9.88 7.42
CA ILE A 117 3.60 8.65 8.20
C ILE A 117 4.94 8.54 8.95
N CYS A 118 5.89 9.41 8.62
CA CYS A 118 7.24 9.37 9.18
CA CYS A 118 7.22 9.35 9.21
C CYS A 118 7.93 8.04 8.93
N LEU A 119 8.47 7.90 7.72
CA LEU A 119 9.01 6.63 7.27
C LEU A 119 10.08 5.99 8.14
N ALA A 120 10.94 6.81 8.73
CA ALA A 120 12.03 6.29 9.56
C ALA A 120 11.51 5.65 10.84
N GLU A 121 10.24 5.90 11.15
CA GLU A 121 9.65 5.41 12.40
C GLU A 121 8.71 4.23 12.17
N CYS A 122 8.42 3.95 10.91
CA CYS A 122 7.42 2.95 10.51
C CYS A 122 7.93 1.52 10.53
N ASP A 123 7.03 0.61 10.87
CA ASP A 123 7.17 -0.79 10.50
C ASP A 123 6.55 -0.95 9.13
N ILE A 124 7.24 -1.66 8.23
CA ILE A 124 6.79 -1.78 6.85
C ILE A 124 6.44 -3.23 6.55
N TYR A 125 5.32 -3.46 5.87
CA TYR A 125 4.87 -4.80 5.53
C TYR A 125 4.48 -4.88 4.06
N SER A 126 4.45 -6.10 3.52
CA SER A 126 3.91 -6.31 2.20
C SER A 126 2.90 -7.44 2.17
N TYR A 127 1.99 -7.38 1.20
CA TYR A 127 1.04 -8.47 0.97
C TYR A 127 1.36 -9.05 -0.40
N ASN A 128 1.48 -10.37 -0.41
CA ASN A 128 1.90 -11.11 -1.59
C ASN A 128 0.99 -12.33 -1.70
N PRO A 129 -0.07 -12.23 -2.51
CA PRO A 129 -1.08 -13.29 -2.56
C PRO A 129 -0.56 -14.63 -3.06
N ASP A 130 -1.05 -15.72 -2.47
CA ASP A 130 -0.77 -17.04 -3.01
C ASP A 130 -1.39 -17.11 -4.40
N LEU A 131 -0.75 -17.87 -5.28
CA LEU A 131 -1.19 -17.94 -6.67
C LEU A 131 -2.59 -18.52 -6.82
N ASP A 132 -2.97 -19.42 -5.91
CA ASP A 132 -4.31 -20.01 -5.97
C ASP A 132 -5.34 -19.07 -5.31
N SER A 133 -4.87 -18.04 -4.63
CA SER A 133 -5.73 -17.13 -3.86
C SER A 133 -5.55 -15.67 -4.30
N ASP A 134 -5.24 -15.47 -5.57
CA ASP A 134 -4.96 -14.13 -6.06
C ASP A 134 -6.25 -13.53 -6.62
N PRO A 135 -6.76 -12.48 -5.97
CA PRO A 135 -8.05 -11.91 -6.34
C PRO A 135 -7.99 -11.13 -7.64
N PHE A 136 -6.80 -10.63 -7.98
CA PHE A 136 -6.65 -9.76 -9.13
C PHE A 136 -6.68 -10.52 -10.45
N GLY A 137 -6.60 -11.85 -10.37
CA GLY A 137 -6.75 -12.70 -11.53
C GLY A 137 -5.60 -12.64 -12.52
N GLU A 138 -5.85 -13.13 -13.73
CA GLU A 138 -4.87 -13.12 -14.80
C GLU A 138 -4.99 -11.83 -15.61
N ASP A 139 -4.41 -10.75 -15.09
CA ASP A 139 -4.52 -9.44 -15.74
C ASP A 139 -3.29 -9.08 -16.57
N GLY A 140 -2.42 -10.05 -16.80
CA GLY A 140 -1.24 -9.86 -17.61
C GLY A 140 -0.21 -8.85 -17.10
N SER A 141 -0.28 -8.46 -15.84
CA SER A 141 0.70 -7.51 -15.30
CA SER A 141 0.70 -7.51 -15.30
C SER A 141 2.07 -8.17 -15.16
N LEU A 142 3.12 -7.35 -15.33
CA LEU A 142 4.49 -7.80 -15.19
C LEU A 142 5.00 -7.67 -13.76
N TRP A 143 4.38 -6.79 -12.99
CA TRP A 143 4.78 -6.59 -11.59
C TRP A 143 3.62 -6.03 -10.79
N SER A 144 3.68 -6.20 -9.47
CA SER A 144 2.67 -5.63 -8.60
C SER A 144 3.30 -5.49 -7.22
N PHE A 145 2.84 -4.49 -6.47
CA PHE A 145 3.19 -4.37 -5.06
C PHE A 145 2.04 -3.87 -4.21
N ASN A 146 2.06 -4.28 -2.95
CA ASN A 146 1.06 -3.85 -1.97
C ASN A 146 1.81 -3.64 -0.67
N TYR A 147 2.22 -2.41 -0.40
CA TYR A 147 2.99 -2.05 0.79
C TYR A 147 2.17 -1.31 1.83
N PHE A 148 2.45 -1.61 3.11
CA PHE A 148 1.80 -0.95 4.24
C PHE A 148 2.90 -0.29 5.06
N PHE A 149 2.79 1.01 5.27
CA PHE A 149 3.70 1.74 6.15
C PHE A 149 2.92 2.04 7.42
N TYR A 150 3.26 1.32 8.49
CA TYR A 150 2.47 1.32 9.72
C TYR A 150 3.25 2.04 10.82
N ASN A 151 2.78 3.22 11.20
CA ASN A 151 3.38 3.96 12.29
C ASN A 151 2.59 3.63 13.54
N LYS A 152 3.17 2.80 14.41
CA LYS A 152 2.43 2.31 15.57
C LYS A 152 2.20 3.39 16.61
N ARG A 153 3.08 4.38 16.65
CA ARG A 153 2.89 5.50 17.56
C ARG A 153 1.71 6.37 17.12
N LEU A 154 1.63 6.62 15.82
CA LEU A 154 0.56 7.42 15.25
C LEU A 154 -0.74 6.63 15.09
N LYS A 155 -0.66 5.31 15.23
CA LYS A 155 -1.79 4.42 14.98
C LYS A 155 -2.36 4.71 13.59
N ARG A 156 -1.49 4.69 12.59
CA ARG A 156 -1.85 5.12 11.25
C ARG A 156 -1.15 4.24 10.22
N ILE A 157 -1.82 3.92 9.12
CA ILE A 157 -1.22 3.11 8.07
C ILE A 157 -1.39 3.79 6.71
N VAL A 158 -0.30 3.92 5.97
CA VAL A 158 -0.38 4.34 4.57
C VAL A 158 -0.30 3.08 3.72
N PHE A 159 -1.27 2.93 2.82
CA PHE A 159 -1.34 1.73 1.97
C PHE A 159 -1.03 2.16 0.55
N PHE A 160 -0.05 1.49 -0.07
CA PHE A 160 0.39 1.87 -1.43
C PHE A 160 0.31 0.62 -2.29
N SER A 161 -0.60 0.62 -3.27
CA SER A 161 -0.86 -0.56 -4.09
C SER A 161 -0.82 -0.21 -5.57
N CYS A 162 0.09 -0.84 -6.33
CA CYS A 162 0.21 -0.58 -7.77
C CYS A 162 0.44 -1.87 -8.54
N ARG A 163 0.16 -1.85 -9.85
CA ARG A 163 0.56 -2.94 -10.73
C ARG A 163 0.64 -2.43 -12.16
N SER A 164 1.43 -3.10 -12.99
CA SER A 164 1.48 -2.71 -14.39
C SER A 164 2.05 -3.81 -15.26
#